data_7SIR
#
_entry.id   7SIR
#
_cell.length_a   59.170
_cell.length_b   86.240
_cell.length_c   94.300
_cell.angle_alpha   90.000
_cell.angle_beta   90.000
_cell.angle_gamma   90.000
#
_symmetry.space_group_name_H-M   'P 21 21 21'
#
loop_
_entity.id
_entity.type
_entity.pdbx_description
1 polymer 'UDP-N-acetylmuramoylalanine--D-glutamate ligase'
2 non-polymer 'FORMIC ACID'
3 water water
#
_entity_poly.entity_id   1
_entity_poly.type   'polypeptide(L)'
_entity_poly.pdbx_seq_one_letter_code
;MAHHHHHHMLIQRGGLKVVAGLGISGVSAVNFLHEQGYQVAVTDSRPTPPGHDQIPAGVKTSFGQLDQELLLQAEEIILS
PGLAPQLPEIQAAIAKGISVVGDIQLLRRATDVPIVAITGSNAKSTVTTLIGLMAKDAGKKVAVGGNLGRPALDLLKDQP
ELLVLELSSFQLETTSHLNAEVAVVLNMSEDHLDRHGNMLGYHQAKHRIFQGAKKVVFNRDDALSRPLVPDTTPMQSFGL
NAPDLNQYGVLRDADGTLWLARGLQRLIKSSDLYIQGMHNVANALACLALGEAIGLPMESMLETLKQFKGLEHRCEYVKT
VHDVRYYNDSKGTNVGATLAAIDGLGAAIEVKKGKVALILGGQGKGQDFGPLRSSIEKYAKVVVLIGEDAPVIEQAIQGA
TKILHAATLKEAVELCQRETQAEDVVLLSPACASFDMFKSYNDRGQQFVACVNSLV
;
_entity_poly.pdbx_strand_id   A
#
loop_
_chem_comp.id
_chem_comp.type
_chem_comp.name
_chem_comp.formula
FMT non-polymer 'FORMIC ACID' 'C H2 O2'
#
# COMPACT_ATOMS: atom_id res chain seq x y z
N ARG A 13 -3.44 -35.76 -20.40
CA ARG A 13 -3.22 -35.31 -21.76
C ARG A 13 -2.65 -33.89 -21.83
N GLY A 14 -2.18 -33.50 -23.01
CA GLY A 14 -1.69 -32.16 -23.22
C GLY A 14 -0.31 -31.99 -22.62
N GLY A 15 0.25 -30.81 -22.85
CA GLY A 15 1.59 -30.53 -22.39
C GLY A 15 1.68 -30.48 -20.88
N LEU A 16 2.85 -30.84 -20.37
CA LEU A 16 3.09 -30.82 -18.94
C LEU A 16 3.29 -29.38 -18.45
N LYS A 17 2.52 -28.99 -17.44
CA LYS A 17 2.71 -27.72 -16.73
C LYS A 17 3.53 -28.00 -15.49
N VAL A 18 4.64 -27.31 -15.31
CA VAL A 18 5.49 -27.51 -14.13
C VAL A 18 5.50 -26.22 -13.33
N VAL A 19 5.02 -26.30 -12.09
CA VAL A 19 5.04 -25.18 -11.17
C VAL A 19 6.39 -25.20 -10.47
N ALA A 20 7.14 -24.11 -10.55
CA ALA A 20 8.47 -24.00 -9.95
C ALA A 20 8.35 -23.10 -8.73
N GLY A 21 8.48 -23.68 -7.55
CA GLY A 21 8.32 -22.95 -6.31
C GLY A 21 6.90 -23.10 -5.79
N LEU A 22 6.75 -23.57 -4.56
CA LEU A 22 5.43 -23.76 -3.98
C LEU A 22 5.06 -22.51 -3.18
N GLY A 23 4.85 -22.65 -1.88
CA GLY A 23 4.37 -21.49 -1.15
C GLY A 23 2.92 -21.16 -1.49
N ILE A 24 2.46 -20.03 -0.96
CA ILE A 24 1.05 -19.63 -1.16
C ILE A 24 0.75 -19.44 -2.63
N SER A 25 1.65 -18.77 -3.36
CA SER A 25 1.50 -18.54 -4.78
C SER A 25 1.48 -19.85 -5.55
N GLY A 26 2.47 -20.72 -5.30
CA GLY A 26 2.55 -21.97 -6.05
C GLY A 26 1.38 -22.87 -5.78
N VAL A 27 0.89 -22.88 -4.54
CA VAL A 27 -0.30 -23.66 -4.23
C VAL A 27 -1.47 -23.21 -5.09
N SER A 28 -1.67 -21.89 -5.22
CA SER A 28 -2.80 -21.43 -6.02
C SER A 28 -2.67 -21.86 -7.47
N ALA A 29 -1.44 -21.85 -8.00
CA ALA A 29 -1.24 -22.26 -9.39
C ALA A 29 -1.45 -23.75 -9.57
N VAL A 30 -0.91 -24.56 -8.66
CA VAL A 30 -1.08 -26.02 -8.76
C VAL A 30 -2.57 -26.36 -8.75
N ASN A 31 -3.31 -25.81 -7.79
CA ASN A 31 -4.73 -26.14 -7.67
C ASN A 31 -5.52 -25.62 -8.86
N PHE A 32 -5.23 -24.41 -9.33
CA PHE A 32 -5.91 -23.86 -10.49
C PHE A 32 -5.72 -24.74 -11.71
N LEU A 33 -4.46 -25.10 -12.02
CA LEU A 33 -4.19 -25.89 -13.21
C LEU A 33 -4.78 -27.29 -13.09
N HIS A 34 -4.71 -27.87 -11.89
CA HIS A 34 -5.26 -29.20 -11.69
C HIS A 34 -6.78 -29.19 -11.87
N GLU A 35 -7.45 -28.21 -11.25
CA GLU A 35 -8.90 -28.05 -11.38
C GLU A 35 -9.33 -27.91 -12.84
N GLN A 36 -8.55 -27.16 -13.62
CA GLN A 36 -8.79 -26.97 -15.05
C GLN A 36 -8.49 -28.21 -15.89
N GLY A 37 -7.94 -29.27 -15.29
CA GLY A 37 -7.70 -30.50 -16.01
C GLY A 37 -6.35 -30.62 -16.69
N TYR A 38 -5.36 -29.82 -16.28
CA TYR A 38 -4.03 -29.92 -16.88
C TYR A 38 -3.22 -31.02 -16.20
N GLN A 39 -2.23 -31.52 -16.93
CA GLN A 39 -1.17 -32.34 -16.36
C GLN A 39 -0.21 -31.40 -15.65
N VAL A 40 -0.08 -31.53 -14.33
CA VAL A 40 0.69 -30.60 -13.52
C VAL A 40 1.71 -31.36 -12.70
N ALA A 41 2.90 -30.78 -12.55
CA ALA A 41 3.90 -31.26 -11.60
C ALA A 41 4.44 -30.04 -10.88
N VAL A 42 5.04 -30.24 -9.72
CA VAL A 42 5.56 -29.11 -8.96
C VAL A 42 6.92 -29.47 -8.38
N THR A 43 7.84 -28.51 -8.40
CA THR A 43 9.17 -28.72 -7.87
C THR A 43 9.57 -27.53 -7.00
N ASP A 44 10.37 -27.80 -5.99
CA ASP A 44 10.76 -26.78 -5.02
C ASP A 44 12.04 -27.26 -4.36
N SER A 45 13.02 -26.35 -4.24
CA SER A 45 14.30 -26.75 -3.65
C SER A 45 14.18 -27.14 -2.18
N ARG A 46 13.10 -26.75 -1.50
CA ARG A 46 12.97 -27.10 -0.10
C ARG A 46 12.38 -28.52 0.05
N PRO A 47 12.92 -29.33 0.96
CA PRO A 47 12.41 -30.70 1.10
C PRO A 47 10.95 -30.77 1.54
N THR A 48 10.51 -29.86 2.41
CA THR A 48 9.14 -29.83 2.90
C THR A 48 8.66 -28.41 2.72
N PRO A 49 8.31 -28.02 1.49
CA PRO A 49 7.98 -26.63 1.23
C PRO A 49 6.63 -26.27 1.84
N PRO A 50 6.46 -25.03 2.27
CA PRO A 50 5.13 -24.59 2.71
C PRO A 50 4.11 -24.84 1.61
N GLY A 51 3.01 -25.48 1.99
CA GLY A 51 1.96 -25.81 1.04
C GLY A 51 1.97 -27.24 0.57
N HIS A 52 2.92 -28.06 1.02
CA HIS A 52 3.06 -29.42 0.50
C HIS A 52 1.83 -30.26 0.80
N ASP A 53 1.10 -29.92 1.85
CA ASP A 53 -0.10 -30.64 2.21
C ASP A 53 -1.37 -30.00 1.64
N GLN A 54 -1.23 -29.05 0.72
CA GLN A 54 -2.38 -28.33 0.20
C GLN A 54 -2.58 -28.54 -1.29
N ILE A 55 -1.93 -29.53 -1.89
CA ILE A 55 -2.07 -29.79 -3.32
C ILE A 55 -2.61 -31.20 -3.52
N PRO A 56 -3.28 -31.47 -4.65
CA PRO A 56 -3.94 -32.76 -4.83
C PRO A 56 -2.97 -33.93 -4.86
N ALA A 57 -3.51 -35.11 -4.59
CA ALA A 57 -2.67 -36.29 -4.35
C ALA A 57 -2.00 -36.79 -5.62
N GLY A 58 -2.64 -36.64 -6.77
CA GLY A 58 -2.07 -37.14 -8.00
C GLY A 58 -0.97 -36.30 -8.61
N VAL A 59 -0.75 -35.10 -8.11
CA VAL A 59 0.21 -34.18 -8.72
C VAL A 59 1.64 -34.63 -8.39
N LYS A 60 2.45 -34.83 -9.43
CA LYS A 60 3.82 -35.24 -9.22
C LYS A 60 4.61 -34.12 -8.56
N THR A 61 5.41 -34.49 -7.56
CA THR A 61 6.25 -33.53 -6.86
C THR A 61 7.71 -33.95 -6.97
N SER A 62 8.57 -32.94 -7.00
CA SER A 62 10.03 -33.13 -6.91
CA SER A 62 10.03 -33.11 -6.92
C SER A 62 10.51 -32.06 -5.92
N PHE A 63 10.53 -32.42 -4.64
CA PHE A 63 10.93 -31.48 -3.60
C PHE A 63 12.35 -31.80 -3.13
N GLY A 64 12.96 -30.82 -2.47
CA GLY A 64 14.33 -30.97 -2.01
C GLY A 64 15.37 -30.60 -3.04
N GLN A 65 14.94 -30.26 -4.26
CA GLN A 65 15.78 -29.85 -5.38
C GLN A 65 14.88 -29.19 -6.40
N LEU A 66 15.38 -28.15 -7.05
CA LEU A 66 14.73 -27.62 -8.25
C LEU A 66 15.05 -28.58 -9.38
N ASP A 67 14.06 -29.37 -9.80
CA ASP A 67 14.28 -30.52 -10.67
C ASP A 67 14.45 -30.04 -12.11
N GLN A 68 15.71 -29.96 -12.55
CA GLN A 68 15.98 -29.38 -13.86
C GLN A 68 15.53 -30.30 -14.98
N GLU A 69 15.73 -31.61 -14.83
CA GLU A 69 15.23 -32.54 -15.85
C GLU A 69 13.72 -32.43 -15.98
N LEU A 70 13.00 -32.34 -14.87
CA LEU A 70 11.55 -32.14 -14.93
C LEU A 70 11.18 -30.84 -15.62
N LEU A 71 11.88 -29.75 -15.27
CA LEU A 71 11.58 -28.46 -15.88
C LEU A 71 11.78 -28.53 -17.39
N LEU A 72 12.78 -29.28 -17.85
CA LEU A 72 13.05 -29.37 -19.29
C LEU A 72 12.04 -30.25 -20.01
N GLN A 73 11.20 -30.97 -19.29
CA GLN A 73 10.10 -31.71 -19.90
C GLN A 73 8.87 -30.85 -20.09
N ALA A 74 8.83 -29.67 -19.48
CA ALA A 74 7.60 -28.91 -19.42
C ALA A 74 7.20 -28.31 -20.77
N GLU A 75 5.91 -28.25 -21.01
CA GLU A 75 5.40 -27.35 -22.04
C GLU A 75 5.40 -25.90 -21.57
N GLU A 76 5.24 -25.69 -20.28
CA GLU A 76 5.24 -24.34 -19.72
C GLU A 76 5.57 -24.46 -18.25
N ILE A 77 6.33 -23.50 -17.74
CA ILE A 77 6.72 -23.43 -16.34
C ILE A 77 6.02 -22.25 -15.70
N ILE A 78 5.42 -22.46 -14.52
CA ILE A 78 4.79 -21.39 -13.75
C ILE A 78 5.76 -21.07 -12.62
N LEU A 79 6.48 -19.96 -12.77
CA LEU A 79 7.55 -19.59 -11.84
C LEU A 79 7.01 -18.74 -10.71
N SER A 80 7.27 -19.17 -9.47
CA SER A 80 6.94 -18.32 -8.32
C SER A 80 7.70 -17.00 -8.40
N PRO A 81 7.09 -15.87 -8.01
CA PRO A 81 7.84 -14.61 -7.96
C PRO A 81 8.95 -14.62 -6.95
N GLY A 82 8.92 -15.57 -6.00
CA GLY A 82 10.03 -15.75 -5.10
C GLY A 82 11.26 -16.39 -5.71
N LEU A 83 11.19 -16.86 -6.96
CA LEU A 83 12.30 -17.50 -7.64
C LEU A 83 12.70 -16.66 -8.85
N ALA A 84 13.98 -16.36 -8.99
CA ALA A 84 14.39 -15.51 -10.10
C ALA A 84 14.42 -16.29 -11.40
N PRO A 85 13.96 -15.69 -12.51
CA PRO A 85 14.15 -16.32 -13.82
C PRO A 85 15.61 -16.60 -14.15
N GLN A 86 16.53 -15.93 -13.47
CA GLN A 86 17.96 -16.10 -13.70
C GLN A 86 18.55 -17.35 -13.04
N LEU A 87 17.76 -18.07 -12.24
CA LEU A 87 18.26 -19.32 -11.66
C LEU A 87 18.70 -20.27 -12.78
N PRO A 88 19.80 -21.00 -12.59
CA PRO A 88 20.32 -21.80 -13.72
C PRO A 88 19.35 -22.85 -14.23
N GLU A 89 18.51 -23.44 -13.36
CA GLU A 89 17.55 -24.43 -13.83
C GLU A 89 16.52 -23.79 -14.76
N ILE A 90 16.10 -22.56 -14.43
CA ILE A 90 15.11 -21.87 -15.26
C ILE A 90 15.76 -21.39 -16.55
N GLN A 91 17.03 -20.96 -16.47
CA GLN A 91 17.75 -20.55 -17.66
C GLN A 91 17.88 -21.68 -18.65
N ALA A 92 18.09 -22.90 -18.16
CA ALA A 92 18.16 -24.04 -19.07
C ALA A 92 16.86 -24.21 -19.83
N ALA A 93 15.73 -24.02 -19.15
CA ALA A 93 14.43 -24.16 -19.79
C ALA A 93 14.19 -23.05 -20.78
N ILE A 94 14.57 -21.81 -20.43
CA ILE A 94 14.39 -20.70 -21.35
C ILE A 94 15.23 -20.89 -22.60
N ALA A 95 16.45 -21.42 -22.44
CA ALA A 95 17.32 -21.67 -23.60
C ALA A 95 16.72 -22.71 -24.53
N LYS A 96 15.93 -23.64 -23.99
CA LYS A 96 15.26 -24.67 -24.77
C LYS A 96 13.99 -24.18 -25.46
N GLY A 97 13.57 -22.95 -25.19
CA GLY A 97 12.35 -22.43 -25.79
C GLY A 97 11.10 -22.64 -24.98
N ILE A 98 11.22 -23.14 -23.75
CA ILE A 98 10.05 -23.40 -22.91
C ILE A 98 9.48 -22.09 -22.37
N SER A 99 8.16 -21.94 -22.47
CA SER A 99 7.47 -20.79 -21.90
C SER A 99 7.62 -20.77 -20.39
N VAL A 100 8.05 -19.61 -19.86
CA VAL A 100 8.14 -19.39 -18.41
C VAL A 100 7.28 -18.17 -18.08
N VAL A 101 6.20 -18.41 -17.34
CA VAL A 101 5.23 -17.39 -16.99
C VAL A 101 4.94 -17.49 -15.49
N GLY A 102 4.10 -16.60 -15.00
CA GLY A 102 3.72 -16.65 -13.60
C GLY A 102 2.22 -16.71 -13.41
N ASP A 103 1.78 -16.60 -12.17
CA ASP A 103 0.36 -16.74 -11.88
C ASP A 103 -0.46 -15.60 -12.47
N ILE A 104 0.13 -14.41 -12.60
CA ILE A 104 -0.61 -13.31 -13.22
C ILE A 104 -0.93 -13.62 -14.67
N GLN A 105 0.00 -14.28 -15.38
CA GLN A 105 -0.29 -14.67 -16.76
C GLN A 105 -1.45 -15.65 -16.81
N LEU A 106 -1.47 -16.63 -15.89
CA LEU A 106 -2.56 -17.59 -15.82
C LEU A 106 -3.89 -16.88 -15.59
N LEU A 107 -3.89 -15.88 -14.70
CA LEU A 107 -5.11 -15.11 -14.44
C LEU A 107 -5.57 -14.37 -15.69
N ARG A 108 -4.64 -13.75 -16.41
CA ARG A 108 -5.02 -12.95 -17.57
C ARG A 108 -5.63 -13.81 -18.67
N ARG A 109 -5.09 -15.02 -18.89
CA ARG A 109 -5.67 -15.94 -19.86
C ARG A 109 -7.07 -16.38 -19.46
N ALA A 110 -7.37 -16.39 -18.16
CA ALA A 110 -8.61 -16.98 -17.66
C ALA A 110 -9.80 -16.02 -17.68
N THR A 111 -9.58 -14.73 -17.81
CA THR A 111 -10.69 -13.80 -17.69
C THR A 111 -10.39 -12.54 -18.49
N ASP A 112 -11.44 -11.95 -19.04
CA ASP A 112 -11.30 -10.66 -19.71
C ASP A 112 -11.79 -9.51 -18.84
N VAL A 113 -12.12 -9.79 -17.57
CA VAL A 113 -12.59 -8.79 -16.63
C VAL A 113 -11.59 -7.63 -16.59
N PRO A 114 -12.06 -6.39 -16.52
CA PRO A 114 -11.12 -5.26 -16.45
C PRO A 114 -10.22 -5.34 -15.23
N ILE A 115 -8.95 -5.04 -15.44
CA ILE A 115 -7.92 -5.03 -14.41
C ILE A 115 -7.44 -3.61 -14.20
N VAL A 116 -7.47 -3.15 -12.94
CA VAL A 116 -6.71 -1.97 -12.49
C VAL A 116 -5.39 -2.51 -11.99
N ALA A 117 -4.28 -2.13 -12.61
CA ALA A 117 -2.97 -2.71 -12.29
C ALA A 117 -2.07 -1.64 -11.68
N ILE A 118 -1.50 -1.95 -10.52
CA ILE A 118 -0.74 -0.99 -9.74
C ILE A 118 0.62 -1.61 -9.40
N THR A 119 1.70 -0.88 -9.67
CA THR A 119 2.99 -1.33 -9.17
C THR A 119 3.75 -0.11 -8.65
N GLY A 120 4.94 -0.35 -8.12
CA GLY A 120 5.74 0.71 -7.56
C GLY A 120 6.28 0.34 -6.19
N SER A 121 6.41 1.33 -5.30
CA SER A 121 7.01 1.10 -3.98
C SER A 121 5.98 0.71 -2.92
N ASN A 122 6.10 1.26 -1.71
CA ASN A 122 5.17 0.93 -0.63
C ASN A 122 4.00 1.89 -0.53
N ALA A 123 4.07 3.03 -1.23
CA ALA A 123 2.89 3.87 -1.40
C ALA A 123 1.75 3.11 -2.05
N LYS A 124 2.05 1.98 -2.71
CA LYS A 124 1.03 1.35 -3.51
C LYS A 124 -0.04 0.67 -2.67
N SER A 125 0.25 0.31 -1.41
CA SER A 125 -0.76 -0.36 -0.60
CA SER A 125 -0.77 -0.37 -0.61
C SER A 125 -1.94 0.56 -0.30
N THR A 126 -1.69 1.84 0.00
CA THR A 126 -2.80 2.77 0.20
C THR A 126 -3.66 2.93 -1.07
N VAL A 127 -3.01 3.11 -2.23
CA VAL A 127 -3.78 3.27 -3.47
C VAL A 127 -4.57 2.01 -3.77
N THR A 128 -3.94 0.84 -3.62
CA THR A 128 -4.64 -0.41 -3.92
C THR A 128 -5.90 -0.54 -3.10
N THR A 129 -5.80 -0.25 -1.81
CA THR A 129 -6.95 -0.36 -0.93
C THR A 129 -8.02 0.67 -1.29
N LEU A 130 -7.60 1.91 -1.50
CA LEU A 130 -8.55 2.99 -1.72
C LEU A 130 -9.29 2.85 -3.05
N ILE A 131 -8.61 2.47 -4.14
CA ILE A 131 -9.34 2.32 -5.41
C ILE A 131 -10.29 1.13 -5.31
N GLY A 132 -9.89 0.07 -4.60
CA GLY A 132 -10.82 -1.02 -4.34
C GLY A 132 -12.09 -0.56 -3.64
N LEU A 133 -11.93 0.25 -2.60
CA LEU A 133 -13.08 0.79 -1.88
C LEU A 133 -13.92 1.70 -2.77
N MET A 134 -13.26 2.57 -3.56
CA MET A 134 -14.01 3.44 -4.47
C MET A 134 -14.87 2.62 -5.41
N ALA A 135 -14.31 1.55 -5.97
CA ALA A 135 -15.04 0.74 -6.93
C ALA A 135 -16.20 0.02 -6.26
N LYS A 136 -15.96 -0.54 -5.07
CA LYS A 136 -17.02 -1.22 -4.35
C LYS A 136 -18.15 -0.24 -4.02
N ASP A 137 -17.79 0.96 -3.55
CA ASP A 137 -18.79 1.94 -3.17
C ASP A 137 -19.60 2.40 -4.36
N ALA A 138 -19.00 2.39 -5.55
CA ALA A 138 -19.68 2.74 -6.79
C ALA A 138 -20.58 1.62 -7.29
N GLY A 139 -20.61 0.50 -6.59
CA GLY A 139 -21.51 -0.59 -6.90
C GLY A 139 -20.90 -1.74 -7.67
N LYS A 140 -19.58 -1.78 -7.81
CA LYS A 140 -18.93 -2.84 -8.55
C LYS A 140 -18.60 -4.00 -7.62
N LYS A 141 -18.72 -5.22 -8.14
CA LYS A 141 -18.23 -6.42 -7.46
C LYS A 141 -16.73 -6.50 -7.71
N VAL A 142 -15.92 -6.15 -6.72
CA VAL A 142 -14.48 -5.99 -6.92
CA VAL A 142 -14.48 -5.99 -6.90
C VAL A 142 -13.74 -7.06 -6.12
N ALA A 143 -12.65 -7.56 -6.70
CA ALA A 143 -11.72 -8.46 -6.02
C ALA A 143 -10.34 -7.83 -6.08
N VAL A 144 -9.67 -7.78 -4.93
CA VAL A 144 -8.39 -7.07 -4.79
C VAL A 144 -7.34 -8.08 -4.37
N GLY A 145 -6.21 -8.11 -5.05
CA GLY A 145 -5.17 -9.05 -4.68
C GLY A 145 -3.89 -8.83 -5.43
N GLY A 146 -3.03 -9.86 -5.41
CA GLY A 146 -1.74 -9.82 -6.04
C GLY A 146 -0.63 -9.49 -5.03
N ASN A 147 0.61 -9.65 -5.50
CA ASN A 147 1.80 -9.28 -4.73
C ASN A 147 1.77 -10.00 -3.38
N LEU A 148 1.56 -9.29 -2.27
CA LEU A 148 1.60 -9.94 -0.96
C LEU A 148 0.21 -10.25 -0.41
N GLY A 149 -0.84 -9.77 -1.07
CA GLY A 149 -2.21 -9.98 -0.65
C GLY A 149 -2.78 -11.27 -1.18
N ARG A 150 -4.05 -11.27 -1.54
CA ARG A 150 -4.69 -12.49 -1.97
C ARG A 150 -4.02 -12.99 -3.25
N PRO A 151 -3.73 -14.29 -3.37
CA PRO A 151 -3.21 -14.79 -4.65
C PRO A 151 -4.17 -14.47 -5.79
N ALA A 152 -3.60 -13.97 -6.88
CA ALA A 152 -4.41 -13.49 -8.00
C ALA A 152 -5.39 -14.55 -8.49
N LEU A 153 -4.95 -15.80 -8.61
CA LEU A 153 -5.83 -16.83 -9.16
C LEU A 153 -7.04 -17.06 -8.26
N ASP A 154 -6.89 -16.87 -6.95
CA ASP A 154 -8.00 -17.04 -6.02
C ASP A 154 -9.11 -16.02 -6.25
N LEU A 155 -8.78 -14.87 -6.83
CA LEU A 155 -9.77 -13.82 -7.09
C LEU A 155 -10.83 -14.27 -8.09
N LEU A 156 -10.51 -15.25 -8.92
CA LEU A 156 -11.44 -15.72 -9.93
C LEU A 156 -12.68 -16.33 -9.31
N LYS A 157 -12.52 -16.93 -8.12
CA LYS A 157 -13.64 -17.63 -7.49
C LYS A 157 -14.79 -16.69 -7.21
N ASP A 158 -14.48 -15.40 -7.04
CA ASP A 158 -15.48 -14.38 -6.75
C ASP A 158 -16.39 -14.08 -7.92
N GLN A 159 -16.02 -14.49 -9.14
CA GLN A 159 -16.62 -13.98 -10.38
C GLN A 159 -16.76 -12.46 -10.30
N PRO A 160 -15.68 -11.75 -10.14
CA PRO A 160 -15.76 -10.30 -9.93
C PRO A 160 -16.03 -9.58 -11.23
N GLU A 161 -16.56 -8.37 -11.08
CA GLU A 161 -16.73 -7.45 -12.19
C GLU A 161 -15.50 -6.59 -12.44
N LEU A 162 -14.57 -6.55 -11.48
CA LEU A 162 -13.38 -5.71 -11.58
C LEU A 162 -12.30 -6.36 -10.72
N LEU A 163 -11.09 -6.41 -11.26
CA LEU A 163 -9.92 -6.88 -10.52
C LEU A 163 -9.02 -5.70 -10.25
N VAL A 164 -8.61 -5.55 -8.99
CA VAL A 164 -7.57 -4.61 -8.63
C VAL A 164 -6.35 -5.44 -8.26
N LEU A 165 -5.30 -5.32 -9.05
CA LEU A 165 -4.10 -6.14 -8.83
C LEU A 165 -2.95 -5.23 -8.45
N GLU A 166 -2.39 -5.46 -7.26
CA GLU A 166 -1.13 -4.84 -6.86
C GLU A 166 -0.02 -5.81 -7.23
N LEU A 167 0.91 -5.37 -8.08
CA LEU A 167 1.90 -6.26 -8.69
C LEU A 167 3.31 -5.83 -8.31
N SER A 168 4.13 -6.79 -7.92
CA SER A 168 5.55 -6.50 -7.73
C SER A 168 6.27 -6.51 -9.08
N SER A 169 7.44 -5.90 -9.09
CA SER A 169 8.30 -6.03 -10.27
C SER A 169 8.59 -7.49 -10.59
N PHE A 170 8.75 -8.32 -9.56
CA PHE A 170 9.01 -9.74 -9.78
C PHE A 170 7.86 -10.43 -10.48
N GLN A 171 6.62 -10.09 -10.11
CA GLN A 171 5.48 -10.66 -10.82
C GLN A 171 5.44 -10.16 -12.26
N LEU A 172 5.76 -8.89 -12.46
CA LEU A 172 5.66 -8.33 -13.80
C LEU A 172 6.72 -8.90 -14.74
N GLU A 173 7.86 -9.37 -14.21
CA GLU A 173 8.92 -9.92 -15.06
C GLU A 173 8.43 -11.09 -15.89
N THR A 174 7.46 -11.85 -15.40
CA THR A 174 6.99 -13.04 -16.10
C THR A 174 5.59 -12.84 -16.67
N THR A 175 5.17 -11.59 -16.80
CA THR A 175 3.85 -11.23 -17.30
C THR A 175 3.98 -10.51 -18.64
N SER A 176 3.23 -10.94 -19.65
CA SER A 176 3.23 -10.31 -20.95
C SER A 176 1.80 -10.01 -21.36
N HIS A 177 1.61 -8.90 -22.08
CA HIS A 177 0.28 -8.53 -22.57
C HIS A 177 -0.74 -8.50 -21.43
N LEU A 178 -0.38 -7.85 -20.33
CA LEU A 178 -1.29 -7.75 -19.21
C LEU A 178 -2.61 -7.11 -19.62
N ASN A 179 -2.57 -6.19 -20.59
CA ASN A 179 -3.79 -5.63 -21.16
C ASN A 179 -4.73 -5.10 -20.08
N ALA A 180 -4.15 -4.40 -19.11
CA ALA A 180 -4.95 -3.81 -18.04
C ALA A 180 -5.89 -2.76 -18.59
N GLU A 181 -7.02 -2.58 -17.91
CA GLU A 181 -7.88 -1.45 -18.26
C GLU A 181 -7.18 -0.13 -17.97
N VAL A 182 -6.55 -0.03 -16.80
CA VAL A 182 -5.72 1.12 -16.49
C VAL A 182 -4.56 0.61 -15.64
N ALA A 183 -3.40 1.25 -15.81
CA ALA A 183 -2.19 0.83 -15.08
C ALA A 183 -1.46 2.07 -14.59
N VAL A 184 -0.72 1.93 -13.49
CA VAL A 184 0.05 3.03 -12.93
C VAL A 184 1.28 2.48 -12.22
N VAL A 185 2.38 3.23 -12.30
CA VAL A 185 3.58 2.99 -11.49
C VAL A 185 3.66 4.08 -10.44
N LEU A 186 3.64 3.68 -9.16
CA LEU A 186 3.71 4.58 -8.00
C LEU A 186 5.08 4.49 -7.33
N ASN A 187 5.88 5.53 -7.47
CA ASN A 187 7.10 5.61 -6.67
C ASN A 187 7.00 6.83 -5.76
N GLY A 201 17.49 -3.73 -14.48
CA GLY A 201 16.24 -3.40 -15.13
C GLY A 201 15.03 -3.56 -14.23
N TYR A 202 15.08 -2.91 -13.07
CA TYR A 202 13.91 -2.83 -12.19
C TYR A 202 12.84 -1.93 -12.81
N HIS A 203 13.27 -0.83 -13.41
CA HIS A 203 12.36 0.06 -14.12
C HIS A 203 11.67 -0.65 -15.27
N GLN A 204 12.42 -1.42 -16.06
CA GLN A 204 11.84 -2.11 -17.20
C GLN A 204 10.81 -3.14 -16.77
N ALA A 205 11.10 -3.89 -15.70
CA ALA A 205 10.11 -4.84 -15.20
C ALA A 205 8.82 -4.13 -14.83
N LYS A 206 8.91 -3.04 -14.07
CA LYS A 206 7.69 -2.35 -13.66
C LYS A 206 6.93 -1.83 -14.86
N HIS A 207 7.63 -1.35 -15.89
CA HIS A 207 6.88 -0.80 -17.02
C HIS A 207 6.26 -1.86 -17.91
N ARG A 208 6.53 -3.15 -17.69
CA ARG A 208 5.74 -4.20 -18.34
C ARG A 208 4.27 -4.10 -17.95
N ILE A 209 3.96 -3.39 -16.87
CA ILE A 209 2.57 -3.25 -16.47
C ILE A 209 1.76 -2.50 -17.52
N PHE A 210 2.43 -1.78 -18.42
CA PHE A 210 1.74 -1.00 -19.44
C PHE A 210 1.52 -1.76 -20.74
N GLN A 211 1.99 -3.00 -20.86
CA GLN A 211 1.80 -3.74 -22.12
C GLN A 211 0.32 -3.91 -22.40
N GLY A 212 -0.13 -3.34 -23.53
CA GLY A 212 -1.53 -3.44 -23.89
C GLY A 212 -2.49 -2.64 -23.04
N ALA A 213 -2.01 -1.76 -22.16
CA ALA A 213 -2.90 -1.00 -21.28
C ALA A 213 -3.90 -0.17 -22.08
N LYS A 214 -5.17 -0.25 -21.70
CA LYS A 214 -6.16 0.53 -22.43
C LYS A 214 -6.03 2.01 -22.10
N LYS A 215 -5.65 2.32 -20.88
CA LYS A 215 -5.50 3.67 -20.33
C LYS A 215 -4.31 3.68 -19.38
N VAL A 216 -3.64 4.81 -19.29
CA VAL A 216 -2.48 4.98 -18.43
C VAL A 216 -2.69 6.14 -17.46
N VAL A 217 -2.29 5.95 -16.21
CA VAL A 217 -2.15 7.04 -15.25
C VAL A 217 -0.67 7.17 -14.91
N PHE A 218 -0.19 8.40 -14.79
CA PHE A 218 1.18 8.56 -14.32
C PHE A 218 1.31 9.73 -13.37
N ASN A 219 2.46 9.76 -12.71
CA ASN A 219 2.77 10.70 -11.64
C ASN A 219 3.70 11.78 -12.21
N ARG A 220 3.17 13.01 -12.31
CA ARG A 220 3.99 14.11 -12.83
C ARG A 220 5.21 14.37 -11.97
N ASP A 221 5.14 14.04 -10.70
CA ASP A 221 6.24 14.28 -9.78
C ASP A 221 7.29 13.19 -9.83
N ASP A 222 7.11 12.19 -10.70
CA ASP A 222 8.04 11.05 -10.83
C ASP A 222 8.22 10.80 -12.32
N ALA A 223 9.28 11.37 -12.89
CA ALA A 223 9.51 11.29 -14.34
C ALA A 223 9.57 9.84 -14.83
N LEU A 224 10.06 8.92 -14.01
CA LEU A 224 10.15 7.52 -14.39
C LEU A 224 8.79 6.83 -14.43
N SER A 225 7.72 7.45 -13.95
CA SER A 225 6.44 6.78 -14.00
C SER A 225 5.74 6.93 -15.34
N ARG A 226 6.20 7.84 -16.20
CA ARG A 226 5.48 8.10 -17.44
C ARG A 226 5.91 7.09 -18.49
N PRO A 227 5.00 6.26 -18.99
CA PRO A 227 5.40 5.23 -19.97
C PRO A 227 5.40 5.76 -21.39
N LEU A 228 6.22 5.09 -22.20
CA LEU A 228 6.15 5.21 -23.64
C LEU A 228 5.05 4.26 -24.12
N VAL A 229 3.92 4.83 -24.51
CA VAL A 229 2.79 4.06 -25.03
C VAL A 229 2.36 4.70 -26.34
N PRO A 230 1.62 3.98 -27.17
CA PRO A 230 1.17 4.56 -28.43
C PRO A 230 0.40 5.85 -28.22
N ASP A 231 0.45 6.72 -29.23
CA ASP A 231 -0.25 8.00 -29.13
C ASP A 231 -1.75 7.80 -28.98
N THR A 232 -2.28 6.64 -29.36
CA THR A 232 -3.69 6.33 -29.24
C THR A 232 -4.12 5.94 -27.83
N THR A 233 -3.19 5.74 -26.90
CA THR A 233 -3.54 5.33 -25.55
C THR A 233 -3.87 6.54 -24.69
N PRO A 234 -5.08 6.64 -24.13
CA PRO A 234 -5.39 7.77 -23.24
C PRO A 234 -4.47 7.78 -22.03
N MET A 235 -4.01 8.97 -21.65
CA MET A 235 -3.16 9.15 -20.48
C MET A 235 -3.67 10.30 -19.65
N GLN A 236 -3.59 10.13 -18.33
CA GLN A 236 -3.95 11.20 -17.40
C GLN A 236 -2.94 11.21 -16.27
N SER A 237 -2.61 12.39 -15.75
CA SER A 237 -1.62 12.44 -14.69
C SER A 237 -2.21 12.97 -13.40
N PHE A 238 -1.49 12.69 -12.31
CA PHE A 238 -1.70 13.34 -11.02
C PHE A 238 -0.35 13.89 -10.55
N GLY A 239 -0.42 14.87 -9.66
CA GLY A 239 0.79 15.48 -9.12
C GLY A 239 0.39 16.52 -8.10
N LEU A 240 1.37 16.98 -7.35
CA LEU A 240 1.10 17.89 -6.23
C LEU A 240 1.30 19.34 -6.62
N ASN A 241 0.89 19.70 -7.83
CA ASN A 241 0.95 21.07 -8.29
C ASN A 241 -0.33 21.37 -9.04
N ALA A 242 -0.46 22.60 -9.53
CA ALA A 242 -1.69 22.98 -10.20
C ALA A 242 -1.80 22.23 -11.52
N PRO A 243 -2.89 21.52 -11.75
CA PRO A 243 -2.95 20.64 -12.92
C PRO A 243 -3.44 21.35 -14.18
N ASP A 244 -2.93 20.87 -15.31
CA ASP A 244 -3.42 21.29 -16.62
C ASP A 244 -4.85 20.82 -16.84
N LEU A 245 -5.47 21.27 -17.94
CA LEU A 245 -6.80 20.78 -18.28
C LEU A 245 -6.86 19.26 -18.21
N ASN A 246 -7.89 18.75 -17.50
CA ASN A 246 -8.23 17.32 -17.42
C ASN A 246 -7.20 16.47 -16.69
N GLN A 247 -6.31 17.06 -15.90
CA GLN A 247 -5.39 16.30 -15.06
C GLN A 247 -5.71 16.56 -13.59
N TYR A 248 -5.18 15.70 -12.72
CA TYR A 248 -5.41 15.80 -11.28
C TYR A 248 -4.26 16.51 -10.59
N GLY A 249 -4.60 17.36 -9.63
CA GLY A 249 -3.58 18.11 -8.94
C GLY A 249 -4.15 18.77 -7.70
N VAL A 250 -3.49 19.83 -7.27
CA VAL A 250 -3.93 20.58 -6.10
C VAL A 250 -4.06 22.04 -6.48
N LEU A 251 -5.00 22.71 -5.82
CA LEU A 251 -5.16 24.14 -5.95
C LEU A 251 -5.27 24.72 -4.54
N ARG A 252 -4.58 25.82 -4.32
CA ARG A 252 -4.62 26.51 -3.04
C ARG A 252 -5.39 27.81 -3.15
N ASP A 253 -6.23 28.08 -2.15
CA ASP A 253 -6.77 29.42 -2.04
C ASP A 253 -5.70 30.37 -1.54
N ALA A 254 -5.98 31.67 -1.68
CA ALA A 254 -5.05 32.69 -1.24
C ALA A 254 -4.69 32.54 0.24
N ASP A 255 -5.63 32.05 1.06
CA ASP A 255 -5.35 31.88 2.49
C ASP A 255 -4.61 30.60 2.81
N GLY A 256 -4.30 29.79 1.80
CA GLY A 256 -3.56 28.56 2.01
C GLY A 256 -4.42 27.31 2.00
N THR A 257 -5.74 27.44 2.01
CA THR A 257 -6.61 26.27 1.99
C THR A 257 -6.32 25.43 0.75
N LEU A 258 -6.11 24.15 0.95
CA LEU A 258 -5.71 23.25 -0.12
C LEU A 258 -6.88 22.43 -0.61
N TRP A 259 -7.03 22.36 -1.93
CA TRP A 259 -8.10 21.61 -2.58
C TRP A 259 -7.49 20.55 -3.48
N LEU A 260 -8.05 19.34 -3.46
CA LEU A 260 -7.81 18.41 -4.56
C LEU A 260 -8.55 18.95 -5.76
N ALA A 261 -7.95 18.83 -6.95
CA ALA A 261 -8.45 19.53 -8.12
C ALA A 261 -8.35 18.65 -9.37
N ARG A 262 -9.25 18.88 -10.30
CA ARG A 262 -9.16 18.32 -11.66
C ARG A 262 -9.21 19.49 -12.62
N GLY A 263 -8.08 19.78 -13.26
CA GLY A 263 -8.02 21.00 -14.07
C GLY A 263 -8.26 22.22 -13.18
N LEU A 264 -9.14 23.10 -13.64
CA LEU A 264 -9.45 24.31 -12.88
C LEU A 264 -10.49 24.06 -11.80
N GLN A 265 -11.07 22.87 -11.74
CA GLN A 265 -12.16 22.56 -10.80
C GLN A 265 -11.62 22.08 -9.45
N ARG A 266 -11.95 22.82 -8.40
CA ARG A 266 -11.68 22.36 -7.04
C ARG A 266 -12.72 21.31 -6.66
N LEU A 267 -12.26 20.16 -6.18
CA LEU A 267 -13.15 19.03 -5.92
C LEU A 267 -13.51 18.87 -4.45
N ILE A 268 -12.52 18.93 -3.58
CA ILE A 268 -12.72 18.69 -2.15
C ILE A 268 -11.53 19.28 -1.40
N LYS A 269 -11.80 19.87 -0.25
CA LYS A 269 -10.74 20.41 0.59
C LYS A 269 -9.94 19.28 1.22
N SER A 270 -8.62 19.44 1.27
CA SER A 270 -7.80 18.42 1.91
C SER A 270 -8.20 18.23 3.37
N SER A 271 -8.69 19.29 4.02
CA SER A 271 -9.12 19.17 5.41
C SER A 271 -10.43 18.39 5.58
N ASP A 272 -11.17 18.15 4.50
CA ASP A 272 -12.38 17.35 4.59
C ASP A 272 -12.13 15.87 4.37
N LEU A 273 -10.88 15.48 4.12
CA LEU A 273 -10.47 14.09 4.13
C LEU A 273 -10.01 13.77 5.54
N TYR A 274 -10.19 12.49 5.92
CA TYR A 274 -9.54 12.01 7.15
C TYR A 274 -8.06 11.75 6.93
N ILE A 275 -7.67 11.20 5.78
CA ILE A 275 -6.24 11.01 5.55
C ILE A 275 -5.60 12.35 5.27
N GLN A 276 -4.38 12.53 5.79
CA GLN A 276 -3.72 13.83 5.80
C GLN A 276 -2.29 13.73 5.30
N GLY A 277 -1.74 14.87 4.90
CA GLY A 277 -0.38 14.94 4.42
C GLY A 277 -0.29 14.82 2.90
N MET A 278 0.78 15.39 2.36
CA MET A 278 0.87 15.50 0.90
C MET A 278 1.00 14.13 0.24
N HIS A 279 1.64 13.16 0.89
CA HIS A 279 1.70 11.82 0.31
C HIS A 279 0.31 11.25 0.17
N ASN A 280 -0.53 11.42 1.19
CA ASN A 280 -1.89 10.93 1.11
C ASN A 280 -2.72 11.72 0.11
N VAL A 281 -2.45 13.03 -0.04
CA VAL A 281 -3.15 13.76 -1.08
C VAL A 281 -2.79 13.18 -2.44
N ALA A 282 -1.50 12.87 -2.66
CA ALA A 282 -1.10 12.25 -3.92
C ALA A 282 -1.77 10.89 -4.11
N ASN A 283 -1.82 10.08 -3.05
CA ASN A 283 -2.52 8.78 -3.12
C ASN A 283 -3.97 8.96 -3.54
N ALA A 284 -4.65 9.94 -2.96
CA ALA A 284 -6.05 10.19 -3.28
C ALA A 284 -6.20 10.61 -4.73
N LEU A 285 -5.32 11.50 -5.19
CA LEU A 285 -5.40 11.96 -6.58
C LEU A 285 -5.14 10.80 -7.55
N ALA A 286 -4.18 9.93 -7.23
CA ALA A 286 -3.95 8.77 -8.07
C ALA A 286 -5.21 7.92 -8.16
N CYS A 287 -5.93 7.79 -7.05
CA CYS A 287 -7.14 6.97 -7.04
C CYS A 287 -8.25 7.61 -7.84
N LEU A 288 -8.38 8.95 -7.76
CA LEU A 288 -9.37 9.61 -8.61
C LEU A 288 -9.07 9.34 -10.09
N ALA A 289 -7.79 9.37 -10.46
CA ALA A 289 -7.44 9.13 -11.86
C ALA A 289 -7.73 7.68 -12.25
N LEU A 290 -7.37 6.72 -11.40
CA LEU A 290 -7.69 5.32 -11.70
C LEU A 290 -9.19 5.15 -11.81
N GLY A 291 -9.93 5.74 -10.88
CA GLY A 291 -11.38 5.62 -10.91
C GLY A 291 -12.01 6.27 -12.13
N GLU A 292 -11.52 7.44 -12.51
CA GLU A 292 -12.03 8.07 -13.73
C GLU A 292 -11.79 7.17 -14.93
N ALA A 293 -10.62 6.52 -14.98
CA ALA A 293 -10.30 5.66 -16.11
C ALA A 293 -11.28 4.49 -16.25
N ILE A 294 -11.81 3.97 -15.14
CA ILE A 294 -12.75 2.86 -15.25
C ILE A 294 -14.21 3.31 -15.11
N GLY A 295 -14.46 4.63 -15.12
CA GLY A 295 -15.81 5.14 -15.17
C GLY A 295 -16.52 5.33 -13.85
N LEU A 296 -15.81 5.33 -12.73
CA LEU A 296 -16.47 5.60 -11.44
C LEU A 296 -16.94 7.05 -11.42
N PRO A 297 -18.17 7.31 -10.97
CA PRO A 297 -18.65 8.69 -10.90
C PRO A 297 -17.88 9.49 -9.86
N MET A 298 -17.63 10.77 -10.18
CA MET A 298 -16.87 11.62 -9.25
C MET A 298 -17.57 11.75 -7.92
N GLU A 299 -18.90 11.87 -7.92
CA GLU A 299 -19.64 12.02 -6.67
C GLU A 299 -19.39 10.83 -5.75
N SER A 300 -19.39 9.62 -6.31
CA SER A 300 -19.13 8.45 -5.48
C SER A 300 -17.69 8.43 -4.98
N MET A 301 -16.73 8.75 -5.85
CA MET A 301 -15.33 8.70 -5.44
C MET A 301 -15.05 9.69 -4.32
N LEU A 302 -15.60 10.91 -4.41
CA LEU A 302 -15.33 11.89 -3.36
C LEU A 302 -15.94 11.46 -2.04
N GLU A 303 -17.09 10.81 -2.08
CA GLU A 303 -17.69 10.33 -0.84
C GLU A 303 -16.83 9.23 -0.21
N THR A 304 -16.32 8.32 -1.04
CA THR A 304 -15.35 7.34 -0.54
C THR A 304 -14.15 8.03 0.09
N LEU A 305 -13.60 9.04 -0.60
CA LEU A 305 -12.45 9.77 -0.07
C LEU A 305 -12.74 10.36 1.29
N LYS A 306 -13.93 10.96 1.46
CA LYS A 306 -14.30 11.58 2.73
C LYS A 306 -14.32 10.58 3.86
N GLN A 307 -14.58 9.32 3.57
CA GLN A 307 -14.77 8.35 4.64
C GLN A 307 -13.54 7.50 4.92
N PHE A 308 -12.58 7.48 4.00
CA PHE A 308 -11.44 6.55 4.11
C PHE A 308 -10.53 6.97 5.26
N LYS A 309 -10.20 6.01 6.12
CA LYS A 309 -9.45 6.29 7.33
C LYS A 309 -7.95 6.00 7.23
N GLY A 310 -7.49 5.40 6.14
CA GLY A 310 -6.10 5.02 6.00
C GLY A 310 -5.86 3.57 6.37
N LEU A 311 -4.60 3.14 6.22
CA LEU A 311 -4.22 1.78 6.57
C LEU A 311 -3.91 1.71 8.05
N GLU A 312 -4.19 0.56 8.66
CA GLU A 312 -4.03 0.39 10.10
C GLU A 312 -2.62 0.77 10.53
N HIS A 313 -2.54 1.61 11.57
CA HIS A 313 -1.31 2.00 12.26
C HIS A 313 -0.43 2.95 11.45
N ARG A 314 -0.86 3.38 10.26
CA ARG A 314 -0.06 4.20 9.34
C ARG A 314 -0.75 5.55 9.21
N CYS A 315 -0.43 6.45 10.14
CA CYS A 315 -1.13 7.72 10.24
CA CYS A 315 -1.15 7.71 10.36
C CYS A 315 -2.63 7.52 10.05
N GLU A 316 -3.17 6.53 10.72
CA GLU A 316 -4.55 6.09 10.54
C GLU A 316 -5.50 6.99 11.35
N TYR A 317 -6.52 7.52 10.69
CA TYR A 317 -7.55 8.25 11.40
C TYR A 317 -8.38 7.26 12.21
N VAL A 318 -8.58 7.56 13.50
CA VAL A 318 -9.33 6.64 14.35
C VAL A 318 -10.75 7.17 14.56
N LYS A 319 -10.85 8.39 15.08
CA LYS A 319 -12.13 8.92 15.54
C LYS A 319 -11.95 10.40 15.80
N THR A 320 -13.07 11.12 15.80
CA THR A 320 -13.13 12.51 16.25
C THR A 320 -13.91 12.56 17.56
N VAL A 321 -13.29 13.17 18.57
CA VAL A 321 -13.89 13.32 19.89
C VAL A 321 -13.84 14.79 20.26
N HIS A 322 -15.01 15.40 20.45
CA HIS A 322 -15.14 16.83 20.76
C HIS A 322 -14.30 17.67 19.81
N ASP A 323 -14.49 17.43 18.51
CA ASP A 323 -13.92 18.22 17.42
C ASP A 323 -12.41 18.07 17.32
N VAL A 324 -11.85 17.03 17.91
CA VAL A 324 -10.42 16.72 17.81
C VAL A 324 -10.26 15.35 17.17
N ARG A 325 -9.51 15.28 16.08
CA ARG A 325 -9.24 14.03 15.39
C ARG A 325 -8.05 13.32 16.02
N TYR A 326 -8.16 11.99 16.14
CA TYR A 326 -7.12 11.16 16.74
C TYR A 326 -6.51 10.27 15.66
N TYR A 327 -5.17 10.23 15.62
CA TYR A 327 -4.42 9.53 14.58
C TYR A 327 -3.50 8.50 15.19
N ASN A 328 -3.60 7.28 14.70
CA ASN A 328 -2.78 6.17 15.14
C ASN A 328 -1.63 5.99 14.15
N ASP A 329 -0.44 6.47 14.50
CA ASP A 329 0.74 6.17 13.69
C ASP A 329 1.68 5.26 14.47
N SER A 330 1.15 4.19 15.05
CA SER A 330 2.00 3.28 15.81
C SER A 330 3.12 2.68 14.97
N LYS A 331 2.92 2.56 13.64
CA LYS A 331 3.99 2.06 12.78
C LYS A 331 5.20 2.97 12.75
N GLY A 332 5.07 4.22 13.22
CA GLY A 332 6.20 5.12 13.29
C GLY A 332 7.13 4.74 14.43
N THR A 333 8.01 3.78 14.18
CA THR A 333 8.90 3.23 15.19
C THR A 333 10.28 3.85 15.14
N ASN A 334 10.48 4.90 14.34
CA ASN A 334 11.79 5.54 14.29
C ASN A 334 11.61 7.02 14.04
N VAL A 335 12.70 7.76 14.29
CA VAL A 335 12.67 9.22 14.25
C VAL A 335 12.28 9.72 12.86
N GLY A 336 12.86 9.15 11.80
CA GLY A 336 12.54 9.63 10.47
C GLY A 336 11.06 9.47 10.13
N ALA A 337 10.48 8.34 10.53
CA ALA A 337 9.07 8.13 10.23
C ALA A 337 8.21 9.10 11.01
N THR A 338 8.54 9.32 12.28
CA THR A 338 7.74 10.22 13.10
C THR A 338 7.91 11.69 12.68
N LEU A 339 9.11 12.06 12.24
CA LEU A 339 9.31 13.38 11.68
C LEU A 339 8.39 13.62 10.50
N ALA A 340 8.30 12.64 9.59
CA ALA A 340 7.42 12.79 8.44
C ALA A 340 5.95 12.92 8.88
N ALA A 341 5.56 12.18 9.93
CA ALA A 341 4.18 12.20 10.38
C ALA A 341 3.83 13.53 11.05
N ILE A 342 4.71 14.03 11.91
CA ILE A 342 4.49 15.33 12.53
C ILE A 342 4.44 16.42 11.46
N ASP A 343 5.41 16.41 10.55
CA ASP A 343 5.46 17.45 9.51
C ASP A 343 4.21 17.40 8.65
N GLY A 344 3.77 16.20 8.28
CA GLY A 344 2.65 16.10 7.37
C GLY A 344 1.35 16.54 8.03
N LEU A 345 1.08 16.01 9.21
CA LEU A 345 -0.15 16.37 9.90
C LEU A 345 -0.11 17.81 10.38
N GLY A 346 1.06 18.26 10.86
CA GLY A 346 1.17 19.63 11.31
C GLY A 346 0.92 20.65 10.21
N ALA A 347 1.52 20.41 9.03
CA ALA A 347 1.29 21.35 7.93
C ALA A 347 -0.15 21.28 7.44
N ALA A 348 -0.79 20.11 7.59
CA ALA A 348 -2.13 19.90 7.08
C ALA A 348 -3.18 20.64 7.90
N ILE A 349 -2.94 20.87 9.19
CA ILE A 349 -3.90 21.56 10.04
C ILE A 349 -3.52 23.02 10.31
N GLU A 350 -2.40 23.49 9.76
CA GLU A 350 -1.90 24.82 10.10
C GLU A 350 -2.84 25.94 9.63
N VAL A 351 -3.46 25.78 8.47
CA VAL A 351 -4.33 26.83 7.95
C VAL A 351 -5.50 27.08 8.90
N LYS A 352 -6.00 26.02 9.52
CA LYS A 352 -7.07 26.10 10.50
C LYS A 352 -6.57 26.42 11.90
N LYS A 353 -5.28 26.71 12.04
CA LYS A 353 -4.64 27.09 13.29
C LYS A 353 -4.57 25.95 14.31
N GLY A 354 -4.73 24.70 13.85
CA GLY A 354 -4.63 23.57 14.74
C GLY A 354 -3.19 23.23 15.09
N LYS A 355 -3.03 22.54 16.22
CA LYS A 355 -1.73 22.06 16.70
C LYS A 355 -1.82 20.59 17.03
N VAL A 356 -0.64 19.95 17.08
CA VAL A 356 -0.54 18.52 17.34
C VAL A 356 -0.28 18.29 18.82
N ALA A 357 -1.05 17.39 19.42
CA ALA A 357 -0.71 16.80 20.71
C ALA A 357 -0.08 15.45 20.42
N LEU A 358 1.20 15.31 20.73
CA LEU A 358 2.01 14.19 20.25
C LEU A 358 2.35 13.25 21.39
N ILE A 359 2.16 11.94 21.18
CA ILE A 359 2.64 10.93 22.13
C ILE A 359 3.92 10.31 21.57
N LEU A 360 5.01 10.40 22.33
CA LEU A 360 6.32 9.90 21.94
C LEU A 360 6.81 8.94 23.00
N GLY A 361 7.59 7.94 22.58
CA GLY A 361 8.35 7.15 23.53
C GLY A 361 8.21 5.66 23.32
N GLY A 362 8.90 4.92 24.17
CA GLY A 362 9.06 3.48 24.03
C GLY A 362 10.53 3.13 24.07
N GLN A 363 10.96 2.13 23.29
CA GLN A 363 12.37 1.76 23.21
C GLN A 363 13.04 2.61 22.14
N GLY A 364 13.98 3.44 22.54
CA GLY A 364 14.57 4.39 21.61
C GLY A 364 15.66 3.85 20.71
N LYS A 365 16.21 2.67 21.02
CA LYS A 365 17.14 1.98 20.12
C LYS A 365 18.40 2.80 19.89
N GLY A 366 18.74 3.69 20.81
CA GLY A 366 19.94 4.49 20.67
C GLY A 366 19.85 5.60 19.64
N GLN A 367 18.64 5.91 19.16
CA GLN A 367 18.46 6.94 18.15
C GLN A 367 18.79 8.32 18.68
N ASP A 368 19.15 9.21 17.75
CA ASP A 368 19.24 10.64 18.00
C ASP A 368 17.86 11.26 17.78
N PHE A 369 17.25 11.77 18.86
CA PHE A 369 15.93 12.36 18.76
C PHE A 369 15.96 13.85 18.47
N GLY A 370 17.15 14.46 18.43
CA GLY A 370 17.28 15.86 18.08
C GLY A 370 16.54 16.29 16.85
N PRO A 371 16.53 15.49 15.77
CA PRO A 371 15.82 15.91 14.56
C PRO A 371 14.32 16.14 14.75
N LEU A 372 13.74 15.66 15.84
CA LEU A 372 12.32 15.94 16.06
C LEU A 372 12.07 17.33 16.63
N ARG A 373 13.09 17.96 17.21
CA ARG A 373 12.84 19.15 18.02
C ARG A 373 12.23 20.27 17.18
N SER A 374 12.80 20.55 16.02
CA SER A 374 12.34 21.71 15.25
C SER A 374 10.89 21.55 14.82
N SER A 375 10.50 20.34 14.43
CA SER A 375 9.14 20.12 13.96
CA SER A 375 9.14 20.08 13.98
C SER A 375 8.16 20.13 15.12
N ILE A 376 8.56 19.61 16.28
CA ILE A 376 7.73 19.70 17.47
C ILE A 376 7.52 21.17 17.87
N GLU A 377 8.59 21.97 17.85
CA GLU A 377 8.47 23.39 18.15
C GLU A 377 7.50 24.08 17.19
N LYS A 378 7.52 23.68 15.92
CA LYS A 378 6.71 24.35 14.92
C LYS A 378 5.23 23.95 15.01
N TYR A 379 4.95 22.66 15.24
CA TYR A 379 3.60 22.13 15.03
C TYR A 379 2.92 21.58 16.27
N ALA A 380 3.64 21.28 17.34
CA ALA A 380 3.01 20.64 18.48
C ALA A 380 2.66 21.66 19.54
N LYS A 381 1.58 21.39 20.28
CA LYS A 381 1.25 22.18 21.46
C LYS A 381 1.57 21.45 22.75
N VAL A 382 1.75 20.14 22.71
CA VAL A 382 2.18 19.37 23.86
C VAL A 382 2.78 18.07 23.34
N VAL A 383 3.76 17.53 24.08
CA VAL A 383 4.27 16.19 23.87
C VAL A 383 4.07 15.44 25.18
N VAL A 384 3.44 14.27 25.10
CA VAL A 384 3.29 13.38 26.26
C VAL A 384 4.25 12.22 26.06
N LEU A 385 5.17 12.04 27.00
CA LEU A 385 6.22 11.04 26.90
C LEU A 385 5.85 9.79 27.67
N ILE A 386 6.04 8.63 27.04
CA ILE A 386 5.82 7.33 27.66
C ILE A 386 7.04 6.45 27.46
N GLY A 387 7.11 5.37 28.24
CA GLY A 387 8.03 4.30 27.92
C GLY A 387 9.47 4.51 28.40
N GLU A 388 10.27 3.52 28.04
CA GLU A 388 11.58 3.32 28.66
C GLU A 388 12.52 4.49 28.40
N ASP A 389 12.48 5.05 27.19
CA ASP A 389 13.45 6.07 26.81
C ASP A 389 12.83 7.47 26.78
N ALA A 390 11.71 7.65 27.48
CA ALA A 390 11.22 9.01 27.72
C ALA A 390 12.31 9.97 28.23
N PRO A 391 13.21 9.59 29.16
CA PRO A 391 14.24 10.54 29.61
C PRO A 391 15.16 11.05 28.50
N VAL A 392 15.63 10.17 27.63
CA VAL A 392 16.54 10.64 26.60
C VAL A 392 15.79 11.45 25.55
N ILE A 393 14.54 11.09 25.26
CA ILE A 393 13.73 11.91 24.35
C ILE A 393 13.49 13.30 24.93
N GLU A 394 13.21 13.37 26.23
CA GLU A 394 12.95 14.66 26.86
C GLU A 394 14.15 15.60 26.72
N GLN A 395 15.37 15.09 26.93
CA GLN A 395 16.55 15.92 26.75
C GLN A 395 16.65 16.48 25.34
N ALA A 396 16.24 15.68 24.35
CA ALA A 396 16.37 16.07 22.95
C ALA A 396 15.36 17.13 22.55
N ILE A 397 14.20 17.17 23.19
CA ILE A 397 13.11 18.03 22.73
C ILE A 397 12.75 19.14 23.70
N GLN A 398 13.32 19.17 24.89
CA GLN A 398 12.80 20.11 25.88
C GLN A 398 13.09 21.56 25.49
N GLY A 399 12.20 22.45 25.94
CA GLY A 399 12.15 23.82 25.50
C GLY A 399 11.27 24.02 24.28
N ALA A 400 11.09 22.97 23.47
CA ALA A 400 10.39 23.14 22.21
C ALA A 400 8.88 23.30 22.39
N THR A 401 8.32 22.73 23.45
CA THR A 401 6.89 22.84 23.75
C THR A 401 6.67 22.29 25.16
N LYS A 402 5.41 22.33 25.59
CA LYS A 402 5.02 21.74 26.86
C LYS A 402 5.23 20.23 26.85
N ILE A 403 5.84 19.70 27.91
CA ILE A 403 6.11 18.27 28.01
C ILE A 403 5.41 17.71 29.23
N LEU A 404 4.64 16.65 29.03
CA LEU A 404 4.01 15.90 30.11
C LEU A 404 4.51 14.46 30.08
N HIS A 405 4.31 13.77 31.19
CA HIS A 405 4.72 12.37 31.33
C HIS A 405 3.52 11.52 31.72
N ALA A 406 3.46 10.31 31.16
CA ALA A 406 2.37 9.39 31.46
C ALA A 406 2.95 8.00 31.67
N ALA A 407 2.42 7.31 32.68
CA ALA A 407 2.86 5.96 33.01
C ALA A 407 2.16 4.89 32.18
N THR A 408 1.03 5.21 31.55
CA THR A 408 0.34 4.27 30.70
C THR A 408 -0.08 4.98 29.42
N LEU A 409 -0.32 4.19 28.38
CA LEU A 409 -0.85 4.75 27.15
C LEU A 409 -2.22 5.39 27.38
N LYS A 410 -3.07 4.74 28.18
CA LYS A 410 -4.38 5.30 28.51
C LYS A 410 -4.25 6.70 29.09
N GLU A 411 -3.33 6.87 30.05
CA GLU A 411 -3.11 8.20 30.63
C GLU A 411 -2.62 9.19 29.58
N ALA A 412 -1.73 8.75 28.68
CA ALA A 412 -1.23 9.65 27.64
C ALA A 412 -2.36 10.14 26.76
N VAL A 413 -3.26 9.25 26.35
CA VAL A 413 -4.37 9.66 25.50
C VAL A 413 -5.27 10.63 26.26
N GLU A 414 -5.51 10.37 27.54
CA GLU A 414 -6.36 11.25 28.33
C GLU A 414 -5.73 12.63 28.50
N LEU A 415 -4.40 12.69 28.64
CA LEU A 415 -3.73 13.98 28.75
C LEU A 415 -3.80 14.74 27.42
N CYS A 416 -3.64 14.03 26.30
CA CYS A 416 -3.77 14.68 25.00
C CYS A 416 -5.17 15.25 24.81
N GLN A 417 -6.20 14.52 25.24
CA GLN A 417 -7.56 15.04 25.15
C GLN A 417 -7.70 16.32 25.98
N ARG A 418 -7.09 16.35 27.16
CA ARG A 418 -7.19 17.51 28.02
C ARG A 418 -6.52 18.74 27.41
N GLU A 419 -5.46 18.54 26.63
CA GLU A 419 -4.64 19.62 26.12
C GLU A 419 -5.09 20.13 24.77
N THR A 420 -6.14 19.55 24.18
CA THR A 420 -6.53 19.91 22.83
C THR A 420 -7.93 20.48 22.78
N GLN A 421 -8.18 21.24 21.70
CA GLN A 421 -9.47 21.86 21.44
C GLN A 421 -9.72 21.72 19.93
N ALA A 422 -10.88 22.22 19.48
CA ALA A 422 -11.28 22.03 18.09
C ALA A 422 -10.18 22.49 17.13
N GLU A 423 -9.94 21.66 16.11
CA GLU A 423 -8.97 21.83 15.03
C GLU A 423 -7.60 21.30 15.40
N ASP A 424 -7.32 21.08 16.71
CA ASP A 424 -6.13 20.31 17.09
C ASP A 424 -6.31 18.84 16.71
N VAL A 425 -5.19 18.11 16.71
CA VAL A 425 -5.19 16.66 16.49
C VAL A 425 -4.35 16.00 17.57
N VAL A 426 -4.65 14.74 17.82
CA VAL A 426 -3.83 13.89 18.69
C VAL A 426 -3.16 12.85 17.81
N LEU A 427 -1.84 12.72 17.96
CA LEU A 427 -1.03 11.85 17.11
C LEU A 427 -0.23 10.91 18.00
N LEU A 428 -0.51 9.61 17.91
CA LEU A 428 0.43 8.60 18.41
C LEU A 428 1.41 8.28 17.30
N SER A 429 2.62 8.82 17.41
CA SER A 429 3.70 8.49 16.47
C SER A 429 4.94 8.44 17.33
N PRO A 430 5.25 7.26 17.88
CA PRO A 430 6.13 7.23 19.06
C PRO A 430 7.62 7.37 18.76
N ALA A 431 8.08 7.21 17.52
CA ALA A 431 9.48 7.28 17.07
C ALA A 431 10.34 6.20 17.69
N CYS A 432 9.71 5.16 18.25
CA CYS A 432 10.34 4.16 19.11
C CYS A 432 9.69 2.82 18.87
N ALA A 433 10.45 1.76 19.16
CA ALA A 433 9.84 0.44 19.17
C ALA A 433 8.97 0.29 20.41
N SER A 434 8.09 -0.72 20.39
CA SER A 434 7.03 -0.82 21.37
C SER A 434 7.29 -1.85 22.46
N PHE A 435 8.39 -2.58 22.40
CA PHE A 435 8.45 -3.86 23.08
C PHE A 435 8.67 -3.76 24.58
N ASP A 436 8.91 -2.55 25.11
CA ASP A 436 9.03 -2.42 26.55
C ASP A 436 7.67 -2.45 27.23
N MET A 437 6.61 -2.06 26.52
CA MET A 437 5.27 -2.00 27.08
C MET A 437 4.23 -2.77 26.29
N PHE A 438 4.56 -3.23 25.07
CA PHE A 438 3.61 -3.84 24.16
C PHE A 438 4.26 -5.03 23.48
N LYS A 439 3.45 -5.82 22.77
CA LYS A 439 3.96 -6.98 22.07
C LYS A 439 4.55 -6.62 20.71
N SER A 440 4.14 -5.49 20.15
CA SER A 440 4.46 -5.07 18.79
C SER A 440 3.80 -3.72 18.58
N TYR A 441 4.22 -3.05 17.51
CA TYR A 441 3.52 -1.82 17.15
C TYR A 441 2.05 -2.08 16.85
N ASN A 442 1.70 -3.29 16.39
CA ASN A 442 0.29 -3.59 16.15
C ASN A 442 -0.49 -3.59 17.44
N ASP A 443 0.06 -4.23 18.48
CA ASP A 443 -0.53 -4.20 19.82
C ASP A 443 -0.67 -2.77 20.30
N ARG A 444 0.40 -1.98 20.18
CA ARG A 444 0.36 -0.60 20.67
C ARG A 444 -0.72 0.19 19.96
N GLY A 445 -0.83 0.03 18.64
CA GLY A 445 -1.87 0.73 17.90
C GLY A 445 -3.27 0.25 18.26
N GLN A 446 -3.47 -1.07 18.36
CA GLN A 446 -4.76 -1.58 18.83
C GLN A 446 -5.14 -0.99 20.17
N GLN A 447 -4.18 -0.91 21.10
CA GLN A 447 -4.49 -0.36 22.42
C GLN A 447 -4.78 1.13 22.34
N PHE A 448 -4.08 1.86 21.47
CA PHE A 448 -4.37 3.27 21.28
C PHE A 448 -5.80 3.46 20.78
N VAL A 449 -6.21 2.65 19.81
CA VAL A 449 -7.56 2.74 19.26
C VAL A 449 -8.59 2.43 20.35
N ALA A 450 -8.32 1.44 21.20
CA ALA A 450 -9.23 1.16 22.31
C ALA A 450 -9.30 2.33 23.28
N CYS A 451 -8.15 2.95 23.57
CA CYS A 451 -8.13 4.12 24.44
C CYS A 451 -8.96 5.26 23.84
N VAL A 452 -8.77 5.53 22.55
CA VAL A 452 -9.50 6.61 21.89
C VAL A 452 -11.00 6.34 21.93
N ASN A 453 -11.39 5.11 21.59
CA ASN A 453 -12.81 4.76 21.58
C ASN A 453 -13.45 4.81 22.96
N SER A 454 -12.65 4.73 24.03
CA SER A 454 -13.21 4.82 25.38
C SER A 454 -13.33 6.25 25.87
N LEU A 455 -12.80 7.22 25.13
CA LEU A 455 -12.91 8.61 25.52
C LEU A 455 -14.38 9.05 25.51
N VAL A 456 -14.73 9.89 26.46
CA VAL A 456 -16.07 10.45 26.51
C VAL A 456 -15.98 11.98 26.43
C FMT B . 7.60 -2.64 16.98
O1 FMT B . 6.81 -3.48 16.52
O2 FMT B . 7.38 -1.97 17.99
C FMT C . -13.13 -4.02 -1.88
O1 FMT C . -12.83 -3.11 -1.10
O2 FMT C . -12.74 -5.20 -1.79
#